data_6TBE
#
_entry.id   6TBE
#
_cell.length_a   95.738
_cell.length_b   95.738
_cell.length_c   34.647
_cell.angle_alpha   90.000
_cell.angle_beta   90.000
_cell.angle_gamma   90.000
#
_symmetry.space_group_name_H-M   'I 41'
#
loop_
_entity.id
_entity.type
_entity.pdbx_description
1 polymer 'Microtubule-associated proteins 1A/1B light chain 3A'
2 non-polymer NOVOBIOCIN
3 non-polymer 1,2-ETHANEDIOL
4 water water
#
_entity_poly.entity_id   1
_entity_poly.type   'polypeptide(L)'
_entity_poly.pdbx_seq_one_letter_code
;GAMDRPFKQRRSFADRCKEVQQIRDQHPSKIPVIIERYKGEKQLPVLDKTKFLVPDHVNMSELVKIIRRRLQLNPTQAFF
LLVNQHSMVSVSTPIADIYEQEKDEDGFLYMVYASQETF
;
_entity_poly.pdbx_strand_id   A
#
# COMPACT_ATOMS: atom_id res chain seq x y z
N MET A 3 11.49 -4.54 10.73
CA MET A 3 12.63 -5.24 10.15
C MET A 3 12.44 -5.44 8.65
N ASP A 4 12.94 -6.56 8.13
CA ASP A 4 12.85 -6.85 6.70
C ASP A 4 11.73 -7.81 6.34
N ARG A 5 11.32 -8.66 7.29
CA ARG A 5 10.21 -9.57 7.03
C ARG A 5 8.93 -8.76 6.75
N PRO A 6 8.02 -9.30 5.95
CA PRO A 6 6.74 -8.61 5.73
C PRO A 6 5.99 -8.39 7.04
N PHE A 7 5.12 -7.38 7.00
CA PHE A 7 4.36 -6.94 8.17
C PHE A 7 3.59 -8.09 8.82
N LYS A 8 2.89 -8.88 8.00
CA LYS A 8 2.08 -9.98 8.56
C LYS A 8 2.93 -11.03 9.22
N GLN A 9 4.23 -11.04 8.98
CA GLN A 9 5.11 -12.00 9.60
C GLN A 9 5.60 -11.50 10.94
N ARG A 10 5.53 -10.19 11.17
CA ARG A 10 6.04 -9.57 12.38
C ARG A 10 4.95 -9.26 13.40
N ARG A 11 3.70 -9.09 12.98
CA ARG A 11 2.61 -8.73 13.88
C ARG A 11 1.51 -9.79 13.80
N SER A 12 1.00 -10.19 14.96
CA SER A 12 -0.10 -11.12 15.02
C SER A 12 -1.37 -10.49 14.46
N PHE A 13 -2.28 -11.34 13.98
CA PHE A 13 -3.56 -10.82 13.49
C PHE A 13 -4.26 -9.98 14.55
N ALA A 14 -4.21 -10.43 15.81
CA ALA A 14 -4.80 -9.68 16.91
C ALA A 14 -4.19 -8.28 17.02
N ASP A 15 -2.86 -8.19 17.00
CA ASP A 15 -2.23 -6.89 17.18
C ASP A 15 -2.47 -5.99 15.97
N ARG A 16 -2.50 -6.55 14.76
CA ARG A 16 -2.81 -5.73 13.61
C ARG A 16 -4.22 -5.16 13.72
N CYS A 17 -5.20 -5.99 14.11
N CYS A 17 -5.18 -6.01 14.09
CA CYS A 17 -6.57 -5.52 14.32
CA CYS A 17 -6.57 -5.59 14.23
C CYS A 17 -6.61 -4.38 15.34
C CYS A 17 -6.71 -4.52 15.32
N LYS A 18 -5.91 -4.62 16.41
CA LYS A 18 -5.91 -3.66 17.51
C LYS A 18 -5.32 -2.31 17.05
N GLU A 19 -4.33 -2.36 16.17
CA GLU A 19 -3.72 -1.14 15.68
C GLU A 19 -4.63 -0.38 14.74
N VAL A 20 -5.40 -1.10 13.91
CA VAL A 20 -6.37 -0.45 13.02
C VAL A 20 -7.47 0.21 13.83
N GLN A 21 -7.93 -0.42 14.92
CA GLN A 21 -8.91 0.20 15.80
C GLN A 21 -8.35 1.47 16.44
N GLN A 22 -7.09 1.42 16.87
CA GLN A 22 -6.44 2.62 17.42
C GLN A 22 -6.42 3.74 16.40
N ILE A 23 -6.10 3.41 15.15
CA ILE A 23 -6.02 4.42 14.12
C ILE A 23 -7.40 5.00 13.80
N ARG A 24 -8.46 4.19 13.92
CA ARG A 24 -9.80 4.72 13.74
C ARG A 24 -10.13 5.75 14.81
N ASP A 25 -9.67 5.52 16.04
CA ASP A 25 -9.91 6.49 17.12
C ASP A 25 -9.06 7.73 16.93
N GLN A 26 -7.79 7.54 16.55
CA GLN A 26 -6.84 8.64 16.61
C GLN A 26 -6.62 9.34 15.28
N HIS A 27 -6.99 8.71 14.16
CA HIS A 27 -6.90 9.33 12.83
C HIS A 27 -8.11 8.97 12.01
N PRO A 28 -9.28 9.43 12.40
CA PRO A 28 -10.52 8.89 11.83
C PRO A 28 -10.64 9.09 10.33
N SER A 29 -10.08 10.16 9.78
CA SER A 29 -10.22 10.38 8.35
C SER A 29 -9.20 9.65 7.49
N LYS A 30 -8.31 8.84 8.09
CA LYS A 30 -7.22 8.23 7.32
C LYS A 30 -7.42 6.74 7.13
N ILE A 31 -6.91 6.23 6.03
CA ILE A 31 -6.91 4.80 5.72
C ILE A 31 -5.56 4.22 6.09
N PRO A 32 -5.48 3.16 6.87
CA PRO A 32 -4.19 2.55 7.20
C PRO A 32 -3.77 1.58 6.10
N VAL A 33 -2.54 1.73 5.61
CA VAL A 33 -2.10 0.93 4.47
C VAL A 33 -0.72 0.35 4.74
N ILE A 34 -0.48 -0.82 4.16
CA ILE A 34 0.81 -1.50 4.16
C ILE A 34 1.26 -1.57 2.69
N ILE A 35 2.45 -1.02 2.41
CA ILE A 35 2.95 -0.96 1.04
C ILE A 35 4.30 -1.67 1.02
N GLU A 36 4.37 -2.79 0.27
CA GLU A 36 5.56 -3.63 0.33
C GLU A 36 6.03 -3.99 -1.07
N ARG A 37 7.34 -4.18 -1.20
CA ARG A 37 7.91 -4.60 -2.47
C ARG A 37 7.60 -6.06 -2.73
N TYR A 38 7.27 -6.36 -3.98
CA TYR A 38 7.08 -7.75 -4.40
C TYR A 38 8.27 -8.60 -3.96
N LYS A 39 7.97 -9.80 -3.47
N LYS A 39 7.97 -9.80 -3.47
CA LYS A 39 9.02 -10.65 -2.90
CA LYS A 39 9.01 -10.66 -2.89
C LYS A 39 10.11 -10.95 -3.92
C LYS A 39 10.10 -10.96 -3.91
N GLY A 40 9.72 -11.23 -5.15
CA GLY A 40 10.70 -11.55 -6.18
C GLY A 40 11.19 -10.37 -7.01
N GLU A 41 11.02 -9.16 -6.49
CA GLU A 41 11.39 -7.96 -7.25
C GLU A 41 12.90 -7.80 -7.29
N LYS A 42 13.44 -7.52 -8.50
CA LYS A 42 14.88 -7.33 -8.69
C LYS A 42 15.26 -5.95 -9.19
N GLN A 43 14.34 -5.18 -9.76
CA GLN A 43 14.69 -3.88 -10.31
C GLN A 43 14.45 -2.74 -9.32
N LEU A 44 13.27 -2.69 -8.71
CA LEU A 44 12.88 -1.56 -7.89
C LEU A 44 13.50 -1.65 -6.51
N PRO A 45 13.81 -0.50 -5.90
CA PRO A 45 14.37 -0.49 -4.55
C PRO A 45 13.29 -0.69 -3.49
N VAL A 46 13.74 -0.81 -2.25
CA VAL A 46 12.85 -0.95 -1.11
C VAL A 46 12.55 0.45 -0.57
N LEU A 47 11.25 0.77 -0.46
CA LEU A 47 10.83 2.03 0.12
C LEU A 47 11.36 2.18 1.54
N ASP A 48 11.48 3.43 1.96
CA ASP A 48 12.05 3.73 3.28
C ASP A 48 11.24 3.10 4.41
N LYS A 49 9.92 3.01 4.24
CA LYS A 49 9.03 2.49 5.27
C LYS A 49 7.85 1.83 4.58
N THR A 50 7.09 1.07 5.36
N THR A 50 7.08 1.08 5.36
CA THR A 50 6.03 0.22 4.86
CA THR A 50 6.03 0.23 4.80
C THR A 50 4.64 0.70 5.25
C THR A 50 4.64 0.47 5.38
N LYS A 51 4.49 1.20 6.47
CA LYS A 51 3.21 1.51 7.07
C LYS A 51 2.90 3.00 6.91
N PHE A 52 1.79 3.32 6.24
CA PHE A 52 1.37 4.68 5.94
C PHE A 52 -0.07 4.86 6.35
N LEU A 53 -0.43 6.12 6.60
CA LEU A 53 -1.82 6.55 6.62
C LEU A 53 -2.07 7.35 5.34
N VAL A 54 -3.23 7.17 4.74
CA VAL A 54 -3.59 7.92 3.54
C VAL A 54 -4.87 8.70 3.84
N PRO A 55 -4.89 10.02 3.68
CA PRO A 55 -6.17 10.74 3.72
C PRO A 55 -7.15 10.09 2.76
N ASP A 56 -8.39 9.92 3.19
CA ASP A 56 -9.22 8.95 2.48
C ASP A 56 -9.83 9.50 1.18
N HIS A 57 -9.61 10.78 0.85
CA HIS A 57 -10.04 11.33 -0.43
C HIS A 57 -9.04 11.13 -1.57
N VAL A 58 -7.82 10.64 -1.28
CA VAL A 58 -6.79 10.56 -2.33
C VAL A 58 -7.14 9.42 -3.27
N ASN A 59 -7.08 9.68 -4.58
CA ASN A 59 -7.35 8.61 -5.53
C ASN A 59 -6.20 7.61 -5.60
N MET A 60 -6.56 6.35 -5.85
CA MET A 60 -5.54 5.32 -6.05
C MET A 60 -4.57 5.71 -7.16
N SER A 61 -5.09 6.27 -8.26
CA SER A 61 -4.23 6.69 -9.38
C SER A 61 -3.20 7.75 -8.93
N GLU A 62 -3.59 8.64 -8.02
CA GLU A 62 -2.66 9.64 -7.49
C GLU A 62 -1.62 9.00 -6.58
N LEU A 63 -2.03 7.97 -5.82
CA LEU A 63 -1.08 7.27 -4.96
C LEU A 63 0.02 6.62 -5.77
N VAL A 64 -0.30 6.10 -6.96
CA VAL A 64 0.72 5.50 -7.82
C VAL A 64 1.80 6.53 -8.11
N LYS A 65 1.38 7.73 -8.52
CA LYS A 65 2.34 8.79 -8.82
C LYS A 65 3.11 9.21 -7.58
N ILE A 66 2.46 9.23 -6.41
CA ILE A 66 3.14 9.68 -5.20
C ILE A 66 4.19 8.65 -4.78
N ILE A 67 3.83 7.38 -4.80
CA ILE A 67 4.77 6.33 -4.42
C ILE A 67 5.92 6.25 -5.42
N ARG A 68 5.63 6.44 -6.71
CA ARG A 68 6.71 6.44 -7.70
C ARG A 68 7.73 7.53 -7.41
N ARG A 69 7.24 8.75 -7.07
CA ARG A 69 8.16 9.83 -6.67
C ARG A 69 8.97 9.44 -5.44
N ARG A 70 8.32 8.79 -4.48
CA ARG A 70 9.00 8.42 -3.24
C ARG A 70 10.12 7.43 -3.52
N LEU A 71 9.97 6.58 -4.54
CA LEU A 71 10.98 5.58 -4.86
C LEU A 71 12.17 6.17 -5.59
N GLN A 72 12.04 7.38 -6.13
CA GLN A 72 13.14 8.06 -6.82
C GLN A 72 13.70 7.19 -7.94
N LEU A 73 12.81 6.79 -8.83
CA LEU A 73 13.21 6.02 -9.99
C LEU A 73 13.69 6.95 -11.10
N ASN A 74 14.23 6.36 -12.16
CA ASN A 74 14.51 7.13 -13.37
C ASN A 74 13.22 7.23 -14.18
N PRO A 75 13.15 8.12 -15.17
CA PRO A 75 11.88 8.30 -15.88
C PRO A 75 11.38 7.06 -16.60
N THR A 76 12.27 6.15 -17.00
CA THR A 76 11.89 5.02 -17.85
C THR A 76 11.57 3.75 -17.06
N GLN A 77 11.84 3.71 -15.75
CA GLN A 77 11.68 2.49 -14.99
CA GLN A 77 11.67 2.49 -14.97
C GLN A 77 10.20 2.10 -14.91
N ALA A 78 9.93 0.82 -15.12
CA ALA A 78 8.56 0.31 -14.99
C ALA A 78 8.19 0.23 -13.51
N PHE A 79 6.94 0.61 -13.21
CA PHE A 79 6.47 0.58 -11.83
C PHE A 79 4.97 0.33 -11.84
N PHE A 80 4.53 -0.64 -11.04
CA PHE A 80 3.13 -0.99 -10.88
C PHE A 80 2.79 -1.08 -9.41
N LEU A 81 1.64 -0.54 -9.03
CA LEU A 81 1.13 -0.65 -7.66
C LEU A 81 -0.10 -1.54 -7.68
N LEU A 82 -0.02 -2.67 -6.99
CA LEU A 82 -1.05 -3.70 -7.07
C LEU A 82 -1.82 -3.78 -5.76
N VAL A 83 -3.14 -3.76 -5.86
CA VAL A 83 -4.03 -4.04 -4.75
C VAL A 83 -4.85 -5.28 -5.11
N ASN A 84 -4.65 -6.36 -4.34
CA ASN A 84 -5.30 -7.64 -4.61
C ASN A 84 -5.11 -8.04 -6.07
N GLN A 85 -3.89 -7.84 -6.57
CA GLN A 85 -3.38 -8.18 -7.90
C GLN A 85 -3.86 -7.23 -9.00
N HIS A 86 -4.60 -6.19 -8.68
CA HIS A 86 -5.09 -5.25 -9.69
C HIS A 86 -4.21 -4.01 -9.72
N SER A 87 -3.82 -3.59 -10.93
CA SER A 87 -2.99 -2.40 -11.05
C SER A 87 -3.82 -1.15 -10.80
N MET A 88 -3.28 -0.24 -9.99
CA MET A 88 -4.01 0.96 -9.56
C MET A 88 -3.79 2.17 -10.46
N VAL A 89 -2.97 2.06 -11.50
CA VAL A 89 -2.54 3.23 -12.26
C VAL A 89 -3.72 4.04 -12.82
N SER A 90 -4.81 3.38 -13.20
N SER A 90 -4.81 3.38 -13.20
CA SER A 90 -5.96 4.05 -13.81
CA SER A 90 -5.96 4.06 -13.81
C SER A 90 -7.18 4.11 -12.91
C SER A 90 -7.18 4.11 -12.90
N VAL A 91 -7.03 3.80 -11.62
CA VAL A 91 -8.15 3.77 -10.68
C VAL A 91 -8.24 5.16 -10.06
N SER A 92 -9.00 6.04 -10.71
CA SER A 92 -9.21 7.41 -10.24
C SER A 92 -10.44 7.46 -9.34
N THR A 93 -10.33 6.74 -8.22
CA THR A 93 -11.36 6.55 -7.21
C THR A 93 -10.73 6.74 -5.85
N PRO A 94 -11.38 7.51 -4.96
CA PRO A 94 -10.80 7.74 -3.64
C PRO A 94 -10.54 6.44 -2.91
N ILE A 95 -9.45 6.43 -2.13
CA ILE A 95 -9.11 5.23 -1.38
C ILE A 95 -10.22 4.87 -0.39
N ALA A 96 -10.96 5.88 0.12
CA ALA A 96 -12.11 5.59 0.97
C ALA A 96 -13.06 4.60 0.33
N ASP A 97 -13.34 4.77 -0.97
CA ASP A 97 -14.39 4.00 -1.63
C ASP A 97 -13.97 2.60 -2.02
N ILE A 98 -12.68 2.29 -2.04
CA ILE A 98 -12.23 0.93 -2.31
C ILE A 98 -11.71 0.25 -1.05
N TYR A 99 -11.49 1.00 0.02
CA TYR A 99 -11.05 0.41 1.29
C TYR A 99 -12.00 -0.70 1.73
N GLU A 100 -13.30 -0.43 1.72
CA GLU A 100 -14.24 -1.40 2.26
C GLU A 100 -14.29 -2.67 1.42
N GLN A 101 -14.08 -2.58 0.11
CA GLN A 101 -14.11 -3.78 -0.73
C GLN A 101 -12.77 -4.51 -0.73
N GLU A 102 -11.65 -3.82 -0.53
CA GLU A 102 -10.35 -4.41 -0.77
C GLU A 102 -9.54 -4.62 0.50
N LYS A 103 -9.99 -4.13 1.64
CA LYS A 103 -9.22 -4.23 2.87
C LYS A 103 -9.05 -5.68 3.32
N ASP A 104 -7.97 -5.92 4.04
CA ASP A 104 -7.72 -7.19 4.68
C ASP A 104 -8.69 -7.41 5.83
N GLU A 105 -8.85 -8.66 6.23
CA GLU A 105 -9.59 -8.98 7.45
C GLU A 105 -9.04 -8.25 8.66
N ASP A 106 -7.73 -7.95 8.68
CA ASP A 106 -7.18 -7.23 9.82
C ASP A 106 -7.44 -5.73 9.77
N GLY A 107 -8.01 -5.20 8.69
CA GLY A 107 -8.36 -3.80 8.61
C GLY A 107 -7.36 -2.92 7.89
N PHE A 108 -6.14 -3.42 7.63
CA PHE A 108 -5.21 -2.69 6.78
C PHE A 108 -5.58 -2.92 5.32
N LEU A 109 -5.25 -1.93 4.48
CA LEU A 109 -5.29 -2.09 3.03
C LEU A 109 -3.87 -2.40 2.56
N TYR A 110 -3.66 -3.59 1.98
CA TYR A 110 -2.32 -4.00 1.57
C TYR A 110 -2.09 -3.70 0.09
N MET A 111 -0.89 -3.20 -0.21
CA MET A 111 -0.47 -2.95 -1.58
C MET A 111 0.92 -3.52 -1.80
N VAL A 112 1.18 -3.89 -3.06
CA VAL A 112 2.45 -4.47 -3.47
C VAL A 112 2.92 -3.70 -4.70
N TYR A 113 4.19 -3.32 -4.74
CA TYR A 113 4.72 -2.69 -5.94
C TYR A 113 5.78 -3.58 -6.58
N ALA A 114 5.89 -3.48 -7.90
CA ALA A 114 6.78 -4.31 -8.70
C ALA A 114 6.99 -3.64 -10.05
N SER A 115 7.99 -4.13 -10.78
CA SER A 115 8.26 -3.63 -12.12
C SER A 115 7.52 -4.41 -13.20
N GLN A 116 6.59 -5.29 -12.80
CA GLN A 116 5.78 -6.10 -13.71
C GLN A 116 4.44 -6.33 -13.02
N GLU A 117 3.41 -6.65 -13.80
CA GLU A 117 2.07 -6.77 -13.21
C GLU A 117 1.66 -8.20 -12.90
N THR A 118 2.04 -9.17 -13.72
CA THR A 118 1.44 -10.49 -13.63
C THR A 118 2.51 -11.58 -13.49
#